data_6DFI
#
_entry.id   6DFI
#
_cell.length_a   73.881
_cell.length_b   105.622
_cell.length_c   107.240
_cell.angle_alpha   90.000
_cell.angle_beta   90.000
_cell.angle_gamma   90.000
#
_symmetry.space_group_name_H-M   'P 21 21 21'
#
loop_
_entity.id
_entity.type
_entity.pdbx_description
1 polymer 'anti-Zika antibody Z021, Heavy Chain'
2 polymer 'anti-Zika antibody Z021, Light Chain'
3 polymer 'Zika virus envelope protein DIII'
4 water water
#
loop_
_entity_poly.entity_id
_entity_poly.type
_entity_poly.pdbx_seq_one_letter_code
_entity_poly.pdbx_strand_id
1 'polypeptide(L)'
;QVQLQESGPGLVKPSETLSLTCTVSGGSIDTYYWSWIRQTPGKGLEWIGCFYYSVDNHFNPSLESRVTISVDTSKNQFSL
KMTSMTASDTAVYYCARNQPGGRAFDYWGPGTLVTVSSASTKGPSVFPLAPSSKSTSGGTAALGCLVKDYFPEPVTVSWN
SGALTSGVHTFPAVLQSSGLYSLSSVVTVPSSSLGTQTYICNVNHKPSNTKVDKRVEPKSCDKTHHHHHH
;
H
2 'polypeptide(L)'
;EIVLTQSPATLSLSPGQRATLSCRASQSVSNYFAWYQQKPGQAPRLLIYDTSKRATGTPARFSGSGSGTDFTLTISSLEP
EDFAVYYCQERNNWPLTWTFGLGTKVEIKRTVAAPSVFIFPPSDEQLKSGTASVVCLLNNFYPREAKVQWKVDNALQSGN
SQESVTEQDSKDSTYSLSSTLTLSKADYEKHKVYACEVTHQGLSSPVTKSFNRGEC
;
L
3 'polypeptide(L)'
;MRLKGVSYSLCTAAFTFTKIPAETLHGTVTVEVQYAGTDGPCKVPAQMAVDMQTLTPVGRLITANPVITESTENSKMMLE
LDPPFGDSYIVIGVGEKKITHHWHRSGSTI
;
E
#
# COMPACT_ATOMS: atom_id res chain seq x y z
N GLN A 1 -0.32 -4.94 -15.87
CA GLN A 1 -1.32 -5.80 -16.49
C GLN A 1 -2.69 -5.61 -15.81
N VAL A 2 -2.89 -6.29 -14.70
CA VAL A 2 -4.11 -6.19 -13.91
C VAL A 2 -4.06 -4.93 -13.06
N GLN A 3 -5.18 -4.20 -12.99
CA GLN A 3 -5.31 -3.12 -12.03
C GLN A 3 -6.55 -3.31 -11.18
N LEU A 4 -6.43 -2.94 -9.90
CA LEU A 4 -7.51 -3.04 -8.94
C LEU A 4 -7.70 -1.68 -8.28
N GLN A 5 -8.94 -1.41 -7.86
CA GLN A 5 -9.28 -0.14 -7.21
C GLN A 5 -10.32 -0.38 -6.11
N GLU A 6 -9.95 -0.04 -4.88
CA GLU A 6 -10.87 -0.11 -3.76
C GLU A 6 -11.79 1.11 -3.75
N SER A 7 -13.01 0.92 -3.24
CA SER A 7 -13.88 2.03 -2.89
C SER A 7 -14.60 1.67 -1.61
N GLY A 8 -14.67 2.62 -0.69
CA GLY A 8 -15.33 2.37 0.57
C GLY A 8 -15.85 3.62 1.23
N PRO A 9 -16.43 3.47 2.42
CA PRO A 9 -17.12 4.59 3.05
C PRO A 9 -16.17 5.60 3.70
N GLY A 10 -14.90 5.27 3.89
CA GLY A 10 -14.02 6.17 4.65
C GLY A 10 -14.18 6.14 6.17
N LEU A 11 -15.43 6.25 6.65
CA LEU A 11 -15.73 6.28 8.08
C LEU A 11 -16.84 5.28 8.38
N VAL A 12 -16.71 4.54 9.49
CA VAL A 12 -17.66 3.53 9.94
C VAL A 12 -17.93 3.73 11.43
N LYS A 13 -19.21 3.69 11.82
CA LYS A 13 -19.54 3.85 13.24
C LYS A 13 -19.23 2.56 14.02
N PRO A 14 -18.80 2.69 15.26
CA PRO A 14 -18.49 1.51 16.08
C PRO A 14 -19.66 0.54 16.12
N SER A 15 -19.36 -0.74 15.87
CA SER A 15 -20.26 -1.89 15.84
C SER A 15 -21.12 -1.92 14.59
N GLU A 16 -20.93 -1.01 13.65
CA GLU A 16 -21.59 -1.14 12.37
C GLU A 16 -20.78 -2.06 11.45
N THR A 17 -21.29 -2.25 10.24
CA THR A 17 -20.72 -3.19 9.28
C THR A 17 -19.97 -2.42 8.21
N LEU A 18 -18.72 -2.78 7.98
CA LEU A 18 -17.98 -2.21 6.86
C LEU A 18 -18.36 -2.91 5.57
N SER A 19 -18.53 -2.12 4.51
CA SER A 19 -18.66 -2.66 3.16
C SER A 19 -17.66 -1.99 2.23
N LEU A 20 -16.90 -2.81 1.49
CA LEU A 20 -15.90 -2.33 0.54
C LEU A 20 -16.10 -3.01 -0.81
N THR A 21 -15.79 -2.30 -1.88
CA THR A 21 -15.88 -2.87 -3.21
C THR A 21 -14.57 -2.69 -3.97
N CYS A 22 -14.22 -3.70 -4.75
CA CYS A 22 -13.02 -3.72 -5.57
C CYS A 22 -13.44 -3.81 -7.04
N THR A 23 -13.00 -2.84 -7.84
CA THR A 23 -13.21 -2.87 -9.29
C THR A 23 -11.89 -3.23 -9.97
N VAL A 24 -11.92 -4.25 -10.81
CA VAL A 24 -10.71 -4.79 -11.44
C VAL A 24 -10.79 -4.57 -12.93
N SER A 25 -9.68 -4.18 -13.53
CA SER A 25 -9.55 -4.12 -14.98
C SER A 25 -8.31 -4.89 -15.42
N GLY A 26 -8.35 -5.39 -16.66
CA GLY A 26 -7.29 -6.20 -17.24
C GLY A 26 -7.40 -7.68 -16.97
N GLY A 27 -8.45 -8.13 -16.31
CA GLY A 27 -8.60 -9.54 -16.01
C GLY A 27 -9.97 -9.84 -15.45
N SER A 28 -10.51 -11.00 -15.81
CA SER A 28 -11.82 -11.38 -15.34
C SER A 28 -11.72 -12.02 -13.96
N ILE A 29 -12.51 -11.50 -13.01
CA ILE A 29 -12.45 -12.07 -11.66
C ILE A 29 -13.16 -13.42 -11.58
N ASP A 30 -13.67 -13.95 -12.69
CA ASP A 30 -14.20 -15.31 -12.66
C ASP A 30 -13.12 -16.38 -12.73
N THR A 31 -11.84 -15.99 -12.71
CA THR A 31 -10.71 -16.91 -12.75
C THR A 31 -9.67 -16.43 -11.76
N TYR A 32 -8.98 -17.37 -11.10
CA TYR A 32 -7.91 -17.11 -10.12
C TYR A 32 -8.42 -16.66 -8.75
N TYR A 33 -7.53 -16.69 -7.76
CA TYR A 33 -7.86 -16.28 -6.41
C TYR A 33 -7.66 -14.78 -6.24
N TRP A 34 -8.65 -14.13 -5.60
CA TRP A 34 -8.60 -12.71 -5.29
C TRP A 34 -8.77 -12.52 -3.79
N SER A 35 -8.06 -11.56 -3.20
CA SER A 35 -7.97 -11.44 -1.75
C SER A 35 -8.30 -10.02 -1.27
N TRP A 36 -8.71 -9.96 -0.01
CA TRP A 36 -8.73 -8.72 0.78
C TRP A 36 -7.64 -8.81 1.84
N ILE A 37 -6.85 -7.74 1.94
CA ILE A 37 -5.74 -7.62 2.88
C ILE A 37 -5.89 -6.25 3.55
N ARG A 38 -5.38 -6.14 4.78
CA ARG A 38 -5.47 -4.87 5.46
C ARG A 38 -4.17 -4.58 6.20
N GLN A 39 -3.97 -3.31 6.51
CA GLN A 39 -2.74 -2.90 7.15
C GLN A 39 -3.05 -1.81 8.16
N THR A 40 -2.81 -2.09 9.40
CA THR A 40 -2.88 -1.00 10.36
C THR A 40 -1.51 -0.38 10.51
N PRO A 41 -1.38 0.95 10.43
CA PRO A 41 -0.14 1.60 10.89
C PRO A 41 0.37 1.02 12.21
N GLY A 42 -0.51 0.35 12.96
CA GLY A 42 -0.20 -0.31 14.21
C GLY A 42 0.46 -1.68 14.15
N LYS A 43 -0.18 -2.68 13.51
CA LYS A 43 0.25 -4.08 13.67
C LYS A 43 0.56 -4.78 12.34
N GLY A 44 1.00 -4.03 11.32
CA GLY A 44 1.46 -4.66 10.08
C GLY A 44 0.34 -5.09 9.15
N LEU A 45 0.70 -6.03 8.26
CA LEU A 45 -0.15 -6.52 7.17
C LEU A 45 -0.87 -7.80 7.57
N GLU A 46 -2.16 -7.88 7.23
CA GLU A 46 -2.99 -8.96 7.68
C GLU A 46 -3.94 -9.38 6.54
N TRP A 47 -3.80 -10.63 6.11
CA TRP A 47 -4.66 -11.17 5.07
C TRP A 47 -6.02 -11.50 5.68
N ILE A 48 -7.10 -11.11 4.98
CA ILE A 48 -8.46 -11.28 5.47
C ILE A 48 -9.14 -12.52 4.86
N GLY A 49 -9.11 -12.64 3.54
CA GLY A 49 -9.77 -13.77 2.90
C GLY A 49 -9.64 -13.70 1.39
N CYS A 50 -10.09 -14.77 0.74
CA CYS A 50 -10.03 -14.89 -0.71
C CYS A 50 -11.15 -15.78 -1.22
N PHE A 51 -11.38 -15.68 -2.54
CA PHE A 51 -12.32 -16.55 -3.23
C PHE A 51 -11.70 -16.99 -4.54
N TYR A 52 -12.05 -18.19 -4.98
CA TYR A 52 -11.97 -18.53 -6.40
C TYR A 52 -13.40 -18.71 -6.88
N TYR A 53 -13.77 -17.93 -7.88
CA TYR A 53 -15.17 -17.84 -8.28
C TYR A 53 -15.76 -19.20 -8.61
N SER A 54 -16.87 -19.54 -7.95
CA SER A 54 -17.62 -20.78 -8.17
C SER A 54 -16.84 -22.01 -7.73
N VAL A 55 -15.84 -21.84 -6.88
CA VAL A 55 -15.09 -22.97 -6.39
C VAL A 55 -15.09 -22.98 -4.87
N ASP A 56 -14.53 -21.96 -4.23
CA ASP A 56 -14.49 -21.93 -2.77
C ASP A 56 -14.08 -20.53 -2.27
N ASN A 57 -14.07 -20.38 -0.94
CA ASN A 57 -13.53 -19.24 -0.22
C ASN A 57 -12.52 -19.77 0.79
N HIS A 58 -11.62 -18.88 1.23
CA HIS A 58 -10.79 -19.18 2.38
C HIS A 58 -10.67 -17.90 3.19
N PHE A 59 -10.63 -18.05 4.51
CA PHE A 59 -10.69 -16.89 5.38
C PHE A 59 -9.66 -17.04 6.47
N ASN A 60 -9.11 -15.89 6.87
CA ASN A 60 -8.31 -15.80 8.07
C ASN A 60 -9.12 -16.32 9.25
N PRO A 61 -8.66 -17.36 9.93
CA PRO A 61 -9.42 -17.91 11.07
C PRO A 61 -9.80 -16.90 12.14
N SER A 62 -8.95 -15.92 12.42
CA SER A 62 -9.27 -14.97 13.48
C SER A 62 -10.39 -14.02 13.09
N LEU A 63 -10.73 -13.91 11.80
CA LEU A 63 -11.69 -12.94 11.32
C LEU A 63 -12.90 -13.58 10.67
N GLU A 64 -12.91 -14.92 10.53
CA GLU A 64 -13.85 -15.57 9.63
C GLU A 64 -15.30 -15.30 10.02
N SER A 65 -15.61 -15.33 11.32
CA SER A 65 -17.00 -15.17 11.72
C SER A 65 -17.55 -13.78 11.42
N ARG A 66 -16.71 -12.82 11.09
CA ARG A 66 -17.17 -11.45 10.85
C ARG A 66 -17.21 -11.08 9.38
N VAL A 67 -16.84 -11.98 8.48
CA VAL A 67 -16.47 -11.57 7.12
C VAL A 67 -17.32 -12.32 6.09
N THR A 68 -17.70 -11.62 5.03
CA THR A 68 -18.49 -12.14 3.93
C THR A 68 -17.97 -11.54 2.63
N ILE A 69 -18.00 -12.33 1.55
CA ILE A 69 -17.58 -11.87 0.22
C ILE A 69 -18.77 -11.83 -0.72
N SER A 70 -18.60 -11.08 -1.81
CA SER A 70 -19.57 -11.13 -2.88
C SER A 70 -18.82 -10.86 -4.16
N VAL A 71 -19.34 -11.38 -5.26
CA VAL A 71 -18.69 -11.33 -6.57
C VAL A 71 -19.75 -10.99 -7.61
N ASP A 72 -19.42 -10.06 -8.49
CA ASP A 72 -20.28 -9.68 -9.61
C ASP A 72 -19.39 -9.76 -10.85
N THR A 73 -19.40 -10.91 -11.52
CA THR A 73 -18.58 -11.08 -12.71
C THR A 73 -19.06 -10.23 -13.87
N SER A 74 -20.27 -9.69 -13.82
CA SER A 74 -20.72 -8.86 -14.93
C SER A 74 -20.18 -7.45 -14.80
N LYS A 75 -19.93 -6.99 -13.58
CA LYS A 75 -19.31 -5.69 -13.36
C LYS A 75 -17.82 -5.80 -13.10
N ASN A 76 -17.29 -7.03 -13.05
CA ASN A 76 -15.91 -7.28 -12.66
C ASN A 76 -15.60 -6.58 -11.34
N GLN A 77 -16.45 -6.84 -10.35
CA GLN A 77 -16.31 -6.30 -9.01
C GLN A 77 -16.53 -7.39 -7.98
N PHE A 78 -15.81 -7.29 -6.86
CA PHE A 78 -16.08 -8.12 -5.69
C PHE A 78 -15.99 -7.26 -4.44
N SER A 79 -16.51 -7.80 -3.33
CA SER A 79 -16.77 -6.97 -2.17
C SER A 79 -16.35 -7.66 -0.88
N LEU A 80 -16.09 -6.83 0.14
CA LEU A 80 -15.85 -7.29 1.50
C LEU A 80 -16.91 -6.73 2.43
N LYS A 81 -17.38 -7.57 3.34
CA LYS A 81 -18.33 -7.15 4.37
C LYS A 81 -17.79 -7.65 5.71
N MET A 82 -17.63 -6.75 6.67
CA MET A 82 -17.07 -7.09 7.97
C MET A 82 -17.91 -6.45 9.06
N THR A 83 -18.53 -7.27 9.90
CA THR A 83 -19.48 -6.81 10.89
C THR A 83 -18.77 -6.42 12.18
N SER A 84 -19.48 -5.65 13.02
CA SER A 84 -19.03 -5.33 14.37
C SER A 84 -17.67 -4.61 14.38
N MET A 85 -17.56 -3.56 13.56
CA MET A 85 -16.33 -2.79 13.47
C MET A 85 -16.02 -2.09 14.79
N THR A 86 -14.76 -2.15 15.21
CA THR A 86 -14.29 -1.38 16.36
C THR A 86 -13.05 -0.59 15.96
N ALA A 87 -12.60 0.23 16.91
CA ALA A 87 -11.43 1.06 16.71
C ALA A 87 -10.22 0.24 16.29
N SER A 88 -10.14 -1.02 16.72
CA SER A 88 -9.06 -1.91 16.30
C SER A 88 -9.11 -2.17 14.80
N ASP A 89 -10.28 -2.09 14.18
CA ASP A 89 -10.39 -2.36 12.75
C ASP A 89 -10.06 -1.16 11.87
N THR A 90 -9.66 -0.02 12.46
CA THR A 90 -9.18 1.12 11.67
C THR A 90 -7.90 0.73 10.93
N ALA A 91 -7.90 0.89 9.61
CA ALA A 91 -6.79 0.35 8.83
C ALA A 91 -6.93 0.79 7.38
N VAL A 92 -5.83 0.67 6.63
CA VAL A 92 -5.91 0.72 5.17
C VAL A 92 -6.29 -0.66 4.68
N TYR A 93 -7.33 -0.74 3.86
CA TYR A 93 -7.78 -2.00 3.30
C TYR A 93 -7.43 -2.07 1.83
N TYR A 94 -6.89 -3.21 1.40
CA TYR A 94 -6.51 -3.45 0.02
C TYR A 94 -7.25 -4.65 -0.55
N CYS A 95 -7.55 -4.57 -1.84
CA CYS A 95 -7.82 -5.77 -2.61
C CYS A 95 -6.57 -6.12 -3.43
N ALA A 96 -6.45 -7.40 -3.76
CA ALA A 96 -5.24 -7.89 -4.43
C ALA A 96 -5.55 -9.21 -5.12
N ARG A 97 -4.73 -9.52 -6.13
CA ARG A 97 -4.82 -10.79 -6.83
C ARG A 97 -3.76 -11.75 -6.29
N ASN A 98 -4.19 -12.95 -5.95
CA ASN A 98 -3.26 -14.04 -5.67
C ASN A 98 -2.56 -14.43 -6.96
N GLN A 99 -1.23 -14.48 -6.90
CA GLN A 99 -0.41 -14.85 -8.04
C GLN A 99 -0.84 -16.21 -8.58
N PRO A 100 -1.29 -16.30 -9.82
CA PRO A 100 -1.66 -17.61 -10.39
C PRO A 100 -0.50 -18.59 -10.25
N GLY A 101 -0.78 -19.72 -9.62
CA GLY A 101 0.24 -20.73 -9.44
C GLY A 101 1.35 -20.36 -8.48
N GLY A 102 1.15 -19.32 -7.65
CA GLY A 102 2.18 -18.87 -6.72
C GLY A 102 1.64 -18.75 -5.30
N ARG A 103 2.53 -18.30 -4.42
CA ARG A 103 2.21 -18.16 -3.00
C ARG A 103 2.04 -16.70 -2.58
N ALA A 104 2.26 -15.76 -3.49
CA ALA A 104 2.27 -14.33 -3.25
C ALA A 104 1.04 -13.65 -3.86
N PHE A 105 0.99 -12.32 -3.68
CA PHE A 105 0.01 -11.43 -4.28
C PHE A 105 0.74 -10.53 -5.27
N ASP A 106 0.39 -10.60 -6.56
CA ASP A 106 1.23 -9.95 -7.55
C ASP A 106 0.72 -8.57 -7.97
N TYR A 107 -0.57 -8.29 -7.79
CA TYR A 107 -1.15 -6.99 -8.10
C TYR A 107 -2.02 -6.53 -6.95
N TRP A 108 -1.88 -5.25 -6.59
CA TRP A 108 -2.57 -4.65 -5.45
C TRP A 108 -3.31 -3.41 -5.90
N GLY A 109 -4.49 -3.17 -5.31
CA GLY A 109 -5.10 -1.87 -5.41
C GLY A 109 -4.33 -0.86 -4.58
N PRO A 110 -4.60 0.44 -4.77
CA PRO A 110 -3.81 1.43 -4.01
C PRO A 110 -4.17 1.48 -2.54
N GLY A 111 -5.33 1.00 -2.13
CA GLY A 111 -5.70 0.94 -0.72
C GLY A 111 -6.72 2.02 -0.36
N THR A 112 -7.70 1.65 0.46
CA THR A 112 -8.62 2.63 1.00
C THR A 112 -8.59 2.61 2.53
N LEU A 113 -8.59 3.81 3.12
CA LEU A 113 -8.49 3.96 4.56
C LEU A 113 -9.87 3.88 5.19
N VAL A 114 -9.99 3.10 6.26
CA VAL A 114 -11.23 2.99 7.01
C VAL A 114 -10.97 3.41 8.46
N THR A 115 -11.71 4.43 8.91
CA THR A 115 -11.66 4.96 10.27
C THR A 115 -12.95 4.54 10.97
N VAL A 116 -12.82 3.85 12.10
CA VAL A 116 -13.95 3.44 12.92
C VAL A 116 -14.06 4.46 14.05
N SER A 117 -15.12 5.25 14.04
CA SER A 117 -15.33 6.35 14.97
C SER A 117 -16.80 6.74 14.97
N SER A 118 -17.28 7.24 16.10
CA SER A 118 -18.61 7.83 16.13
C SER A 118 -18.60 9.34 15.90
N ALA A 119 -17.43 9.94 15.71
CA ALA A 119 -17.33 11.34 15.33
C ALA A 119 -17.89 11.57 13.93
N SER A 120 -18.36 12.80 13.68
CA SER A 120 -18.99 13.10 12.41
C SER A 120 -17.98 13.61 11.40
N THR A 121 -18.35 13.49 10.14
CA THR A 121 -17.55 13.99 9.03
C THR A 121 -17.56 15.51 9.04
N LYS A 122 -16.41 16.10 8.76
CA LYS A 122 -16.32 17.54 8.65
C LYS A 122 -15.32 17.88 7.56
N GLY A 123 -15.75 18.70 6.60
CA GLY A 123 -14.88 19.14 5.55
C GLY A 123 -13.86 20.15 6.04
N PRO A 124 -12.74 20.25 5.32
CA PRO A 124 -11.68 21.16 5.74
C PRO A 124 -11.96 22.60 5.35
N SER A 125 -11.26 23.50 6.03
CA SER A 125 -11.05 24.86 5.55
C SER A 125 -9.66 24.93 4.92
N VAL A 126 -9.56 25.63 3.79
CA VAL A 126 -8.32 25.69 3.01
C VAL A 126 -7.78 27.12 3.03
N PHE A 127 -6.65 27.33 3.72
CA PHE A 127 -6.12 28.68 3.83
C PHE A 127 -4.80 28.82 3.07
N PRO A 128 -4.56 29.98 2.47
CA PRO A 128 -3.30 30.16 1.74
C PRO A 128 -2.13 30.42 2.67
N LEU A 129 -1.02 29.76 2.37
CA LEU A 129 0.29 30.10 2.92
C LEU A 129 1.01 30.93 1.85
N ALA A 130 0.92 32.26 1.99
CA ALA A 130 1.32 33.19 0.96
C ALA A 130 2.84 33.35 0.93
N PRO A 131 3.43 33.44 -0.26
CA PRO A 131 4.86 33.75 -0.35
C PRO A 131 5.11 35.23 -0.17
N SER A 132 6.21 35.56 0.51
CA SER A 132 6.61 36.94 0.69
C SER A 132 8.12 37.08 0.58
N SER A 133 8.75 37.67 1.60
CA SER A 133 10.19 37.64 1.77
C SER A 133 10.62 36.91 3.05
N LYS A 134 9.70 36.69 4.00
CA LYS A 134 9.95 35.76 5.11
C LYS A 134 9.73 34.31 4.71
N SER A 135 9.59 34.03 3.41
CA SER A 135 9.65 32.68 2.88
C SER A 135 10.47 32.67 1.59
N THR A 136 11.73 33.13 1.69
CA THR A 136 12.68 33.11 0.57
C THR A 136 14.03 32.55 1.04
N SER A 137 14.29 31.29 0.70
CA SER A 137 15.45 30.55 1.18
C SER A 137 15.87 29.52 0.13
N GLY A 138 17.14 29.14 0.16
CA GLY A 138 17.64 28.16 -0.81
C GLY A 138 17.46 28.58 -2.26
N GLY A 139 17.55 29.89 -2.55
CA GLY A 139 17.26 30.41 -3.88
C GLY A 139 15.81 30.34 -4.29
N THR A 140 14.90 30.21 -3.34
CA THR A 140 13.55 29.83 -3.68
C THR A 140 12.56 30.56 -2.78
N ALA A 141 11.39 30.86 -3.31
CA ALA A 141 10.24 31.24 -2.49
C ALA A 141 9.39 30.01 -2.20
N ALA A 142 8.78 29.99 -1.02
CA ALA A 142 7.86 28.92 -0.65
C ALA A 142 6.45 29.49 -0.50
N LEU A 143 5.46 28.69 -0.87
CA LEU A 143 4.06 29.06 -0.74
C LEU A 143 3.30 27.79 -0.43
N GLY A 144 2.09 27.94 0.09
CA GLY A 144 1.42 26.73 0.48
C GLY A 144 -0.08 26.87 0.65
N CYS A 145 -0.65 25.76 1.12
CA CYS A 145 -2.05 25.65 1.50
C CYS A 145 -2.11 24.96 2.85
N LEU A 146 -2.93 25.48 3.75
CA LEU A 146 -3.20 24.87 5.04
C LEU A 146 -4.60 24.27 5.00
N VAL A 147 -4.66 22.95 5.11
CA VAL A 147 -5.91 22.20 5.01
C VAL A 147 -6.30 21.79 6.42
N LYS A 148 -7.22 22.55 7.04
CA LYS A 148 -7.38 22.55 8.48
C LYS A 148 -8.76 22.10 8.93
N ASP A 149 -8.77 21.31 10.01
CA ASP A 149 -9.97 20.97 10.77
C ASP A 149 -10.95 20.10 9.98
N TYR A 150 -10.49 18.94 9.50
CA TYR A 150 -11.34 18.00 8.78
C TYR A 150 -11.35 16.65 9.51
N PHE A 151 -12.36 15.83 9.17
CA PHE A 151 -12.47 14.49 9.73
C PHE A 151 -13.34 13.62 8.82
N PRO A 152 -12.95 12.36 8.56
CA PRO A 152 -11.72 11.68 8.95
C PRO A 152 -10.66 11.92 7.90
N GLU A 153 -9.51 11.27 8.06
CA GLU A 153 -8.54 11.20 6.98
C GLU A 153 -9.12 10.34 5.85
N PRO A 154 -8.62 10.51 4.61
CA PRO A 154 -7.58 11.43 4.16
C PRO A 154 -8.08 12.55 3.27
N VAL A 155 -7.21 13.55 3.06
CA VAL A 155 -7.33 14.52 1.98
C VAL A 155 -6.26 14.24 0.95
N THR A 156 -6.56 14.50 -0.32
CA THR A 156 -5.52 14.58 -1.35
C THR A 156 -5.33 16.03 -1.77
N VAL A 157 -4.07 16.36 -2.11
CA VAL A 157 -3.67 17.69 -2.51
C VAL A 157 -2.85 17.57 -3.78
N SER A 158 -3.21 18.32 -4.81
CA SER A 158 -2.35 18.46 -5.97
C SER A 158 -2.08 19.95 -6.19
N TRP A 159 -1.21 20.24 -7.15
CA TRP A 159 -0.86 21.62 -7.44
C TRP A 159 -1.01 21.86 -8.94
N ASN A 160 -1.69 22.97 -9.27
CA ASN A 160 -2.03 23.32 -10.66
C ASN A 160 -2.57 22.11 -11.42
N SER A 161 -3.56 21.47 -10.81
CA SER A 161 -4.24 20.29 -11.35
C SER A 161 -3.27 19.15 -11.64
N GLY A 162 -2.13 19.12 -10.95
CA GLY A 162 -1.12 18.12 -11.19
C GLY A 162 -0.05 18.50 -12.21
N ALA A 163 -0.16 19.67 -12.84
CA ALA A 163 0.92 20.12 -13.71
C ALA A 163 2.17 20.51 -12.93
N LEU A 164 2.02 20.85 -11.64
CA LEU A 164 3.11 21.29 -10.79
C LEU A 164 3.43 20.16 -9.82
N THR A 165 4.60 19.61 -9.95
CA THR A 165 5.06 18.44 -9.24
C THR A 165 6.40 18.67 -8.55
N SER A 166 7.31 19.38 -9.19
CA SER A 166 8.63 19.63 -8.61
C SER A 166 8.54 20.60 -7.45
N GLY A 167 9.24 20.26 -6.37
CA GLY A 167 9.29 21.08 -5.18
C GLY A 167 8.06 21.00 -4.29
N VAL A 168 7.19 20.02 -4.51
CA VAL A 168 5.97 19.87 -3.71
C VAL A 168 6.27 19.02 -2.49
N HIS A 169 5.79 19.46 -1.34
CA HIS A 169 5.86 18.66 -0.12
C HIS A 169 4.50 18.71 0.54
N THR A 170 3.82 17.57 0.57
CA THR A 170 2.58 17.40 1.31
C THR A 170 2.89 16.60 2.56
N PHE A 171 2.60 17.17 3.70
CA PHE A 171 3.05 16.64 4.97
C PHE A 171 2.01 15.70 5.57
N PRO A 172 2.43 14.80 6.44
CA PRO A 172 1.45 13.99 7.17
C PRO A 172 0.55 14.88 8.01
N ALA A 173 -0.75 14.59 7.99
CA ALA A 173 -1.68 15.36 8.80
C ALA A 173 -1.36 15.14 10.27
N VAL A 174 -1.72 16.11 11.09
CA VAL A 174 -1.68 15.94 12.53
C VAL A 174 -3.11 15.97 13.03
N LEU A 175 -3.33 15.30 14.15
CA LEU A 175 -4.62 15.25 14.82
C LEU A 175 -4.58 16.22 15.99
N GLN A 176 -5.46 17.21 15.99
CA GLN A 176 -5.41 18.26 16.99
C GLN A 176 -6.21 17.88 18.24
N SER A 177 -6.00 18.65 19.30
CA SER A 177 -6.76 18.48 20.54
C SER A 177 -8.25 18.41 20.29
N SER A 178 -8.75 19.17 19.31
CA SER A 178 -10.17 19.19 18.99
C SER A 178 -10.66 17.88 18.40
N GLY A 179 -9.74 16.98 18.03
CA GLY A 179 -10.12 15.78 17.33
C GLY A 179 -10.27 15.93 15.83
N LEU A 180 -9.94 17.09 15.28
CA LEU A 180 -9.92 17.31 13.84
C LEU A 180 -8.49 17.31 13.33
N TYR A 181 -8.31 16.79 12.12
CA TYR A 181 -7.00 16.78 11.49
C TYR A 181 -6.64 18.13 10.87
N SER A 182 -5.34 18.32 10.63
CA SER A 182 -4.79 19.51 10.01
C SER A 182 -3.53 19.13 9.24
N LEU A 183 -3.42 19.61 8.00
CA LEU A 183 -2.37 19.20 7.08
C LEU A 183 -1.92 20.40 6.28
N SER A 184 -0.63 20.42 5.92
CA SER A 184 -0.05 21.47 5.09
C SER A 184 0.62 20.89 3.85
N SER A 185 0.54 21.65 2.76
CA SER A 185 1.18 21.30 1.49
C SER A 185 1.89 22.55 0.97
N VAL A 186 3.20 22.46 0.77
CA VAL A 186 3.96 23.60 0.28
C VAL A 186 4.67 23.25 -1.02
N VAL A 187 4.91 24.27 -1.84
CA VAL A 187 5.74 24.13 -3.03
C VAL A 187 6.86 25.14 -2.93
N THR A 188 8.05 24.74 -3.34
CA THR A 188 9.18 25.65 -3.49
C THR A 188 9.26 26.06 -4.95
N VAL A 189 9.24 27.37 -5.20
CA VAL A 189 9.16 27.90 -6.55
C VAL A 189 10.14 29.07 -6.69
N PRO A 190 10.54 29.35 -7.93
CA PRO A 190 11.47 30.47 -8.15
C PRO A 190 10.82 31.80 -7.79
N SER A 191 11.56 32.63 -7.07
CA SER A 191 11.08 33.96 -6.72
C SER A 191 10.58 34.71 -7.94
N SER A 192 11.35 34.70 -9.02
CA SER A 192 11.03 35.50 -10.20
C SER A 192 9.71 35.12 -10.86
N SER A 193 9.05 34.05 -10.42
CA SER A 193 7.81 33.62 -11.03
C SER A 193 6.57 34.06 -10.27
N LEU A 194 6.70 34.76 -9.15
CA LEU A 194 5.53 35.01 -8.32
C LEU A 194 4.54 35.95 -8.99
N GLY A 195 5.04 36.93 -9.75
CA GLY A 195 4.18 37.82 -10.50
C GLY A 195 3.85 37.36 -11.90
N THR A 196 4.36 36.21 -12.32
CA THR A 196 4.22 35.74 -13.70
C THR A 196 3.84 34.27 -13.74
N GLN A 197 3.08 33.79 -12.76
CA GLN A 197 2.71 32.38 -12.68
C GLN A 197 1.69 32.16 -11.57
N THR A 198 0.61 31.45 -11.90
CA THR A 198 -0.49 31.21 -10.98
C THR A 198 -0.29 29.88 -10.27
N TYR A 199 -0.50 29.87 -8.95
CA TYR A 199 -0.32 28.67 -8.13
C TYR A 199 -1.62 28.37 -7.40
N ILE A 200 -2.22 27.23 -7.72
CA ILE A 200 -3.51 26.82 -7.17
C ILE A 200 -3.33 25.45 -6.54
N CYS A 201 -3.70 25.31 -5.27
CA CYS A 201 -3.75 23.98 -4.69
C CYS A 201 -5.16 23.44 -4.84
N ASN A 202 -5.25 22.15 -5.17
CA ASN A 202 -6.52 21.49 -5.40
C ASN A 202 -6.67 20.46 -4.29
N VAL A 203 -7.78 20.52 -3.56
CA VAL A 203 -7.95 19.73 -2.34
C VAL A 203 -9.22 18.91 -2.45
N ASN A 204 -9.09 17.60 -2.21
CA ASN A 204 -10.22 16.69 -2.24
C ASN A 204 -10.34 15.96 -0.91
N HIS A 205 -11.53 16.02 -0.30
CA HIS A 205 -11.86 15.31 0.94
C HIS A 205 -13.14 14.53 0.64
N LYS A 206 -12.97 13.32 0.11
CA LYS A 206 -14.12 12.50 -0.31
C LYS A 206 -15.21 12.37 0.74
N PRO A 207 -14.93 12.13 2.03
CA PRO A 207 -16.04 11.89 2.97
C PRO A 207 -17.01 13.07 3.09
N SER A 208 -16.58 14.30 2.77
CA SER A 208 -17.47 15.46 2.76
C SER A 208 -17.77 15.98 1.34
N ASN A 209 -17.38 15.22 0.30
CA ASN A 209 -17.47 15.66 -1.11
C ASN A 209 -16.80 17.02 -1.33
N THR A 210 -15.82 17.37 -0.51
CA THR A 210 -15.11 18.63 -0.69
C THR A 210 -14.19 18.54 -1.91
N LYS A 211 -14.47 19.37 -2.92
CA LYS A 211 -13.60 19.58 -4.09
C LYS A 211 -13.36 21.08 -4.17
N VAL A 212 -12.28 21.58 -3.59
CA VAL A 212 -12.06 23.00 -3.54
C VAL A 212 -10.67 23.35 -4.06
N ASP A 213 -10.56 24.57 -4.61
CA ASP A 213 -9.29 25.16 -4.99
C ASP A 213 -8.99 26.35 -4.10
N LYS A 214 -7.71 26.70 -4.02
CA LYS A 214 -7.30 27.97 -3.43
C LYS A 214 -6.14 28.53 -4.25
N ARG A 215 -6.41 29.59 -5.01
CA ARG A 215 -5.32 30.37 -5.56
C ARG A 215 -4.50 30.98 -4.43
N VAL A 216 -3.17 30.84 -4.50
CA VAL A 216 -2.28 31.36 -3.46
C VAL A 216 -1.50 32.52 -4.04
N GLU A 217 -1.72 33.71 -3.50
CA GLU A 217 -1.15 34.90 -4.08
C GLU A 217 -0.07 35.49 -3.18
N PRO A 218 0.89 36.24 -3.74
CA PRO A 218 1.89 36.95 -2.92
C PRO A 218 1.28 37.82 -1.81
N LYS A 219 2.12 38.34 -0.91
CA LYS A 219 1.62 38.90 0.36
C LYS A 219 1.08 40.33 0.20
N SER A 220 1.96 41.31 0.00
CA SER A 220 1.53 42.70 0.03
C SER A 220 1.48 43.32 -1.35
N GLU B 1 -0.20 -21.30 13.49
CA GLU B 1 0.39 -20.94 12.20
C GLU B 1 1.86 -20.52 12.34
N ILE B 2 2.40 -19.92 11.27
CA ILE B 2 3.82 -19.61 11.16
C ILE B 2 4.05 -18.14 11.47
N VAL B 3 5.18 -17.87 12.12
CA VAL B 3 5.61 -16.52 12.44
C VAL B 3 6.87 -16.21 11.65
N LEU B 4 6.88 -15.07 10.98
CA LEU B 4 8.04 -14.57 10.27
C LEU B 4 8.69 -13.44 11.07
N THR B 5 9.98 -13.58 11.32
CA THR B 5 10.74 -12.58 12.07
C THR B 5 11.76 -11.93 11.16
N GLN B 6 11.67 -10.62 11.00
CA GLN B 6 12.59 -9.88 10.15
C GLN B 6 13.55 -9.09 11.01
N SER B 7 14.76 -8.90 10.49
CA SER B 7 15.83 -8.24 11.21
C SER B 7 16.83 -7.75 10.18
N PRO B 8 17.52 -6.63 10.44
CA PRO B 8 17.26 -5.77 11.59
C PRO B 8 15.94 -5.02 11.39
N ALA B 9 15.41 -4.40 12.46
CA ALA B 9 14.22 -3.56 12.30
C ALA B 9 14.47 -2.47 11.28
N THR B 10 15.60 -1.77 11.42
CA THR B 10 15.96 -0.65 10.58
C THR B 10 17.38 -0.83 10.06
N LEU B 11 17.63 -0.22 8.91
CA LEU B 11 18.89 -0.33 8.20
C LEU B 11 19.18 1.04 7.60
N SER B 12 20.33 1.60 7.92
CA SER B 12 20.75 2.90 7.39
C SER B 12 22.07 2.71 6.67
N LEU B 13 22.06 2.87 5.35
CA LEU B 13 23.23 2.63 4.51
C LEU B 13 23.36 3.72 3.47
N SER B 14 24.60 3.93 3.03
CA SER B 14 24.92 4.87 1.97
C SER B 14 24.67 4.24 0.61
N PRO B 15 24.32 5.06 -0.39
CA PRO B 15 24.11 4.51 -1.73
C PRO B 15 25.38 3.84 -2.24
N GLY B 16 25.21 2.71 -2.92
CA GLY B 16 26.30 1.89 -3.37
C GLY B 16 26.69 0.78 -2.43
N GLN B 17 26.27 0.85 -1.17
CA GLN B 17 26.55 -0.25 -0.27
C GLN B 17 25.59 -1.40 -0.53
N ARG B 18 25.95 -2.58 -0.03
CA ARG B 18 25.15 -3.79 -0.20
C ARG B 18 24.27 -4.00 1.02
N ALA B 19 22.97 -4.07 0.81
CA ALA B 19 22.00 -4.28 1.88
C ALA B 19 21.55 -5.74 1.94
N THR B 20 21.51 -6.29 3.15
CA THR B 20 21.13 -7.68 3.38
C THR B 20 20.05 -7.73 4.45
N LEU B 21 18.86 -8.20 4.08
CA LEU B 21 17.68 -8.26 4.95
C LEU B 21 17.34 -9.71 5.24
N SER B 22 17.09 -10.02 6.52
CA SER B 22 16.83 -11.39 6.97
C SER B 22 15.35 -11.62 7.24
N CYS B 23 14.90 -12.84 6.94
CA CYS B 23 13.57 -13.30 7.25
C CYS B 23 13.70 -14.72 7.77
N ARG B 24 13.33 -14.94 9.03
CA ARG B 24 13.38 -16.26 9.63
C ARG B 24 11.96 -16.69 10.00
N ALA B 25 11.62 -17.92 9.66
CA ALA B 25 10.31 -18.46 9.90
C ALA B 25 10.39 -19.40 11.09
N SER B 26 9.30 -19.49 11.86
CA SER B 26 9.29 -20.29 13.07
C SER B 26 9.37 -21.78 12.77
N GLN B 27 8.78 -22.20 11.65
CA GLN B 27 8.87 -23.57 11.17
C GLN B 27 8.80 -23.51 9.66
N SER B 28 9.33 -24.52 9.00
CA SER B 28 9.46 -24.45 7.56
C SER B 28 8.19 -24.96 6.88
N VAL B 29 7.82 -24.30 5.79
CA VAL B 29 6.63 -24.64 5.00
C VAL B 29 7.03 -24.97 3.57
N SER B 30 7.34 -23.95 2.78
CA SER B 30 7.84 -24.15 1.43
C SER B 30 9.12 -23.35 1.27
N ASN B 31 9.86 -23.67 0.22
CA ASN B 31 11.08 -22.94 -0.08
C ASN B 31 10.83 -21.73 -0.99
N TYR B 32 9.60 -21.23 -1.03
CA TYR B 32 9.22 -20.22 -2.01
C TYR B 32 8.62 -19.04 -1.27
N PHE B 33 9.48 -18.12 -0.86
CA PHE B 33 9.10 -16.94 -0.10
C PHE B 33 9.01 -15.75 -1.06
N ALA B 34 8.19 -14.78 -0.67
CA ALA B 34 8.04 -13.53 -1.43
C ALA B 34 8.53 -12.34 -0.62
N TRP B 35 8.89 -11.27 -1.31
CA TRP B 35 9.25 -10.02 -0.67
C TRP B 35 8.51 -8.89 -1.34
N TYR B 36 8.08 -7.93 -0.54
CA TYR B 36 7.35 -6.75 -0.99
C TYR B 36 8.14 -5.50 -0.62
N GLN B 37 8.04 -4.50 -1.50
CA GLN B 37 8.57 -3.18 -1.23
C GLN B 37 7.42 -2.22 -1.05
N GLN B 38 7.39 -1.50 0.07
CA GLN B 38 6.36 -0.52 0.30
C GLN B 38 7.01 0.83 0.50
N LYS B 39 6.67 1.76 -0.36
CA LYS B 39 7.08 3.14 -0.23
C LYS B 39 5.97 3.94 0.40
N PRO B 40 6.26 5.11 0.98
CA PRO B 40 5.25 5.78 1.82
C PRO B 40 3.98 6.11 1.04
N GLY B 41 2.83 5.85 1.66
CA GLY B 41 1.55 6.18 1.07
C GLY B 41 1.10 5.29 -0.07
N GLN B 42 1.86 4.25 -0.39
CA GLN B 42 1.53 3.37 -1.50
C GLN B 42 1.30 1.96 -0.98
N ALA B 43 0.57 1.17 -1.77
CA ALA B 43 0.41 -0.24 -1.46
C ALA B 43 1.77 -0.94 -1.53
N PRO B 44 1.90 -2.08 -0.85
CA PRO B 44 3.04 -2.97 -1.11
C PRO B 44 3.11 -3.37 -2.57
N ARG B 45 4.32 -3.46 -3.12
CA ARG B 45 4.55 -3.98 -4.47
C ARG B 45 5.39 -5.25 -4.40
N LEU B 46 4.96 -6.27 -5.13
CA LEU B 46 5.70 -7.54 -5.16
C LEU B 46 7.06 -7.32 -5.82
N LEU B 47 8.11 -7.70 -5.11
CA LEU B 47 9.47 -7.44 -5.56
C LEU B 47 10.15 -8.72 -6.03
N ILE B 48 10.07 -9.76 -5.19
CA ILE B 48 10.68 -11.07 -5.41
C ILE B 48 9.63 -12.10 -5.01
N TYR B 49 9.59 -13.21 -5.74
CA TYR B 49 8.68 -14.30 -5.40
C TYR B 49 9.38 -15.62 -5.66
N ASP B 50 8.86 -16.69 -5.04
CA ASP B 50 9.52 -17.99 -5.10
C ASP B 50 10.98 -17.87 -4.68
N THR B 51 11.23 -17.07 -3.64
CA THR B 51 12.54 -16.93 -3.01
C THR B 51 13.54 -16.17 -3.87
N SER B 52 13.65 -16.49 -5.17
CA SER B 52 14.72 -15.93 -5.98
C SER B 52 14.30 -15.30 -7.30
N LYS B 53 13.02 -15.33 -7.67
CA LYS B 53 12.58 -14.79 -8.95
C LYS B 53 12.17 -13.33 -8.82
N ARG B 54 12.50 -12.54 -9.84
CA ARG B 54 12.17 -11.11 -9.82
C ARG B 54 10.79 -10.87 -10.39
N ALA B 55 9.97 -10.11 -9.68
CA ALA B 55 8.71 -9.68 -10.26
C ALA B 55 8.99 -8.80 -11.47
N THR B 56 7.96 -8.62 -12.31
CA THR B 56 8.09 -7.72 -13.44
C THR B 56 8.48 -6.32 -12.95
N GLY B 57 9.55 -5.78 -13.52
CA GLY B 57 10.00 -4.45 -13.18
C GLY B 57 10.92 -4.36 -11.98
N THR B 58 11.29 -5.47 -11.36
CA THR B 58 12.26 -5.43 -10.26
C THR B 58 13.67 -5.27 -10.81
N PRO B 59 14.41 -4.22 -10.46
CA PRO B 59 15.77 -4.04 -10.99
C PRO B 59 16.69 -5.19 -10.58
N ALA B 60 17.75 -5.39 -11.38
CA ALA B 60 18.62 -6.54 -11.19
C ALA B 60 19.44 -6.48 -9.89
N ARG B 61 19.63 -5.30 -9.31
CA ARG B 61 20.35 -5.23 -8.03
C ARG B 61 19.57 -5.90 -6.90
N PHE B 62 18.29 -6.22 -7.09
CA PHE B 62 17.53 -6.96 -6.10
C PHE B 62 17.67 -8.45 -6.39
N SER B 63 18.05 -9.23 -5.38
CA SER B 63 18.03 -10.67 -5.52
C SER B 63 17.62 -11.31 -4.20
N GLY B 64 17.17 -12.55 -4.28
CA GLY B 64 16.70 -13.28 -3.12
C GLY B 64 17.30 -14.65 -3.07
N SER B 65 17.46 -15.15 -1.84
CA SER B 65 18.04 -16.47 -1.60
C SER B 65 17.46 -17.03 -0.31
N GLY B 66 17.77 -18.29 -0.04
CA GLY B 66 17.36 -18.93 1.19
C GLY B 66 16.64 -20.23 0.95
N SER B 67 16.32 -20.89 2.06
CA SER B 67 15.70 -22.21 2.01
C SER B 67 15.36 -22.63 3.43
N GLY B 68 14.42 -23.56 3.55
CA GLY B 68 14.00 -24.07 4.84
C GLY B 68 13.40 -23.03 5.75
N THR B 69 14.22 -22.50 6.66
CA THR B 69 13.73 -21.56 7.66
C THR B 69 14.39 -20.20 7.57
N ASP B 70 15.29 -19.97 6.60
CA ASP B 70 16.06 -18.73 6.54
C ASP B 70 16.09 -18.19 5.12
N PHE B 71 15.61 -16.95 4.95
CA PHE B 71 15.53 -16.31 3.64
C PHE B 71 16.10 -14.90 3.70
N THR B 72 16.66 -14.47 2.58
CA THR B 72 17.43 -13.22 2.54
C THR B 72 17.10 -12.45 1.28
N LEU B 73 16.90 -11.14 1.43
CA LEU B 73 16.78 -10.21 0.33
C LEU B 73 18.06 -9.40 0.27
N THR B 74 18.64 -9.30 -0.92
CA THR B 74 19.94 -8.64 -1.10
C THR B 74 19.80 -7.52 -2.12
N ILE B 75 20.16 -6.31 -1.71
CA ILE B 75 20.24 -5.17 -2.61
C ILE B 75 21.72 -4.95 -2.85
N SER B 76 22.22 -5.37 -4.01
CA SER B 76 23.66 -5.49 -4.19
C SER B 76 24.35 -4.13 -4.11
N SER B 77 23.71 -3.09 -4.62
CA SER B 77 24.28 -1.75 -4.63
C SER B 77 23.15 -0.74 -4.44
N LEU B 78 23.07 -0.14 -3.26
CA LEU B 78 21.88 0.56 -2.83
C LEU B 78 21.71 1.87 -3.59
N GLU B 79 20.45 2.20 -3.92
CA GLU B 79 20.12 3.44 -4.61
C GLU B 79 19.21 4.28 -3.72
N PRO B 80 19.26 5.61 -3.85
CA PRO B 80 18.36 6.47 -3.04
C PRO B 80 16.91 6.06 -3.14
N GLU B 81 16.44 5.69 -4.34
CA GLU B 81 15.05 5.31 -4.48
C GLU B 81 14.70 3.98 -3.82
N ASP B 82 15.67 3.26 -3.25
CA ASP B 82 15.35 2.00 -2.56
C ASP B 82 14.90 2.21 -1.11
N PHE B 83 14.88 3.45 -0.63
CA PHE B 83 14.19 3.78 0.62
C PHE B 83 12.76 3.23 0.62
N ALA B 84 12.43 2.44 1.64
CA ALA B 84 11.15 1.73 1.71
C ALA B 84 11.10 0.82 2.92
N VAL B 85 9.94 0.20 3.16
CA VAL B 85 9.83 -0.94 4.07
C VAL B 85 9.70 -2.20 3.23
N TYR B 86 10.42 -3.25 3.62
CA TYR B 86 10.46 -4.50 2.89
C TYR B 86 9.86 -5.59 3.77
N TYR B 87 8.94 -6.36 3.20
CA TYR B 87 8.21 -7.39 3.92
C TYR B 87 8.48 -8.75 3.30
N CYS B 88 8.74 -9.75 4.13
CA CYS B 88 8.70 -11.10 3.61
C CYS B 88 7.34 -11.72 3.87
N GLN B 89 7.01 -12.73 3.07
CA GLN B 89 5.66 -13.26 3.09
C GLN B 89 5.70 -14.73 2.68
N GLU B 90 4.86 -15.54 3.33
CA GLU B 90 4.75 -16.96 3.04
C GLU B 90 3.30 -17.39 3.22
N ARG B 91 2.94 -18.48 2.57
CA ARG B 91 1.61 -19.06 2.68
C ARG B 91 1.67 -20.32 3.53
N ASN B 92 0.96 -20.30 4.66
CA ASN B 92 0.70 -21.50 5.43
C ASN B 92 -0.18 -22.46 4.62
N ASN B 93 0.02 -23.76 4.85
CA ASN B 93 -0.85 -24.73 4.19
C ASN B 93 -2.04 -25.11 5.07
N TRP B 94 -1.80 -25.49 6.32
CA TRP B 94 -2.86 -25.94 7.21
C TRP B 94 -2.68 -25.22 8.54
N PRO B 95 -3.58 -24.30 8.90
CA PRO B 95 -4.69 -23.88 8.05
C PRO B 95 -4.25 -22.87 6.98
N LEU B 96 -4.90 -22.90 5.82
CA LEU B 96 -4.54 -22.02 4.72
C LEU B 96 -4.62 -20.55 5.14
N THR B 97 -3.49 -19.85 5.08
CA THR B 97 -3.39 -18.48 5.58
C THR B 97 -2.13 -17.87 5.01
N TRP B 98 -2.19 -16.57 4.71
CA TRP B 98 -1.04 -15.85 4.16
C TRP B 98 -0.46 -14.94 5.25
N THR B 99 0.85 -15.04 5.48
CA THR B 99 1.52 -14.45 6.63
C THR B 99 2.69 -13.57 6.19
N PHE B 100 2.80 -12.38 6.78
CA PHE B 100 3.85 -11.42 6.50
C PHE B 100 4.72 -11.21 7.73
N GLY B 101 5.99 -10.85 7.51
CA GLY B 101 6.77 -10.31 8.60
C GLY B 101 6.41 -8.85 8.83
N LEU B 102 6.89 -8.30 9.95
CA LEU B 102 6.63 -6.91 10.32
C LEU B 102 7.53 -5.91 9.61
N GLY B 103 8.52 -6.36 8.83
CA GLY B 103 9.21 -5.48 7.90
C GLY B 103 10.56 -4.98 8.40
N THR B 104 11.40 -4.61 7.45
CA THR B 104 12.68 -3.92 7.66
C THR B 104 12.64 -2.58 6.95
N LYS B 105 12.91 -1.51 7.68
CA LYS B 105 12.91 -0.17 7.10
C LYS B 105 14.32 0.18 6.66
N VAL B 106 14.48 0.50 5.38
CA VAL B 106 15.77 0.84 4.79
C VAL B 106 15.84 2.35 4.62
N GLU B 107 16.72 3.00 5.37
CA GLU B 107 17.00 4.41 5.27
C GLU B 107 18.34 4.63 4.57
N ILE B 108 18.46 5.77 3.87
CA ILE B 108 19.62 6.05 3.04
C ILE B 108 20.44 7.15 3.72
N LYS B 109 21.66 6.80 4.11
CA LYS B 109 22.63 7.78 4.61
C LYS B 109 23.07 8.74 3.52
N ARG B 110 23.34 9.98 3.90
CA ARG B 110 23.90 10.98 3.01
C ARG B 110 24.61 12.05 3.85
N THR B 111 25.09 13.10 3.19
CA THR B 111 25.81 14.11 3.93
C THR B 111 24.84 14.98 4.70
N VAL B 112 25.38 15.70 5.68
CA VAL B 112 24.58 16.69 6.40
C VAL B 112 24.08 17.74 5.42
N ALA B 113 22.79 18.01 5.48
CA ALA B 113 22.13 19.07 4.73
C ALA B 113 21.44 19.99 5.71
N ALA B 114 21.86 21.25 5.74
CA ALA B 114 21.21 22.25 6.59
C ALA B 114 19.92 22.72 5.91
N PRO B 115 18.87 22.99 6.69
CA PRO B 115 17.54 23.27 6.10
C PRO B 115 17.45 24.66 5.47
N SER B 116 16.62 24.75 4.43
CA SER B 116 15.98 26.04 4.15
C SER B 116 14.86 26.24 5.15
N VAL B 117 14.62 27.49 5.53
CA VAL B 117 13.62 27.80 6.56
C VAL B 117 12.72 28.93 6.07
N PHE B 118 11.40 28.73 6.21
CA PHE B 118 10.39 29.69 5.81
C PHE B 118 9.35 29.79 6.93
N ILE B 119 8.75 30.97 7.07
CA ILE B 119 7.71 31.19 8.08
C ILE B 119 6.52 31.85 7.41
N PHE B 120 5.32 31.41 7.76
CA PHE B 120 4.09 31.91 7.15
C PHE B 120 3.18 32.47 8.23
N PRO B 121 2.79 33.74 8.14
CA PRO B 121 1.80 34.30 9.07
C PRO B 121 0.41 33.74 8.78
N PRO B 122 -0.58 34.04 9.61
CA PRO B 122 -1.94 33.56 9.33
C PRO B 122 -2.58 34.30 8.16
N SER B 123 -3.36 33.57 7.38
CA SER B 123 -4.19 34.18 6.36
C SER B 123 -5.28 35.04 6.99
N ASP B 124 -5.62 36.13 6.31
CA ASP B 124 -6.79 36.90 6.74
C ASP B 124 -8.05 36.03 6.80
N GLU B 125 -8.18 35.04 5.90
CA GLU B 125 -9.32 34.15 5.93
C GLU B 125 -9.40 33.41 7.26
N GLN B 126 -8.28 32.84 7.69
CA GLN B 126 -8.32 32.12 8.95
C GLN B 126 -8.69 33.06 10.09
N LEU B 127 -8.18 34.29 10.08
CA LEU B 127 -8.47 35.22 11.17
C LEU B 127 -9.96 35.50 11.28
N LYS B 128 -10.68 35.55 10.16
CA LYS B 128 -12.13 35.72 10.22
C LYS B 128 -12.83 34.59 10.97
N SER B 129 -12.23 33.40 11.05
CA SER B 129 -12.87 32.28 11.73
C SER B 129 -12.61 32.27 13.23
N GLY B 130 -11.73 33.14 13.74
CA GLY B 130 -11.48 33.23 15.16
C GLY B 130 -10.22 32.54 15.65
N THR B 131 -9.48 31.82 14.79
CA THR B 131 -8.19 31.24 15.16
C THR B 131 -7.08 31.81 14.28
N ALA B 132 -5.84 31.60 14.73
CA ALA B 132 -4.65 32.03 14.02
C ALA B 132 -3.58 30.94 14.09
N SER B 133 -3.09 30.54 12.92
CA SER B 133 -2.07 29.51 12.79
C SER B 133 -0.82 30.10 12.14
N VAL B 134 0.34 29.81 12.71
CA VAL B 134 1.62 30.23 12.14
C VAL B 134 2.38 28.97 11.72
N VAL B 135 2.89 28.95 10.50
CA VAL B 135 3.54 27.77 9.96
C VAL B 135 5.03 28.04 9.77
N CYS B 136 5.84 27.13 10.30
CA CYS B 136 7.29 27.14 10.09
C CYS B 136 7.67 25.94 9.24
N LEU B 137 8.47 26.18 8.21
CA LEU B 137 8.83 25.15 7.24
C LEU B 137 10.35 24.98 7.21
N LEU B 138 10.81 23.74 7.35
CA LEU B 138 12.22 23.37 7.23
C LEU B 138 12.36 22.41 6.06
N ASN B 139 13.16 22.78 5.07
CA ASN B 139 13.16 22.10 3.78
C ASN B 139 14.54 21.53 3.43
N ASN B 140 14.53 20.29 2.93
CA ASN B 140 15.71 19.56 2.44
C ASN B 140 16.86 19.61 3.46
N PHE B 141 16.70 18.80 4.51
CA PHE B 141 17.71 18.69 5.55
C PHE B 141 17.99 17.24 5.88
N TYR B 142 19.13 17.01 6.52
CA TYR B 142 19.57 15.68 6.88
C TYR B 142 20.64 15.82 7.95
N PRO B 143 20.62 15.00 9.01
CA PRO B 143 19.70 13.90 9.30
C PRO B 143 18.33 14.37 9.82
N ARG B 144 17.44 13.42 10.13
CA ARG B 144 16.06 13.76 10.48
C ARG B 144 15.99 14.62 11.73
N GLU B 145 16.87 14.37 12.70
CA GLU B 145 16.86 15.09 13.98
C GLU B 145 16.88 16.60 13.79
N ALA B 146 15.95 17.27 14.47
CA ALA B 146 15.66 18.68 14.30
C ALA B 146 14.69 19.11 15.39
N LYS B 147 14.89 20.33 15.90
CA LYS B 147 14.06 20.89 16.96
C LYS B 147 13.54 22.24 16.49
N VAL B 148 12.22 22.36 16.37
CA VAL B 148 11.56 23.62 16.05
C VAL B 148 10.84 24.07 17.32
N GLN B 149 11.20 25.25 17.82
CA GLN B 149 10.52 25.83 18.97
C GLN B 149 9.94 27.19 18.59
N TRP B 150 8.74 27.47 19.11
CA TRP B 150 8.02 28.70 18.86
C TRP B 150 8.20 29.68 20.02
N LYS B 151 8.42 30.95 19.68
CA LYS B 151 8.55 32.02 20.67
C LYS B 151 7.69 33.19 20.22
N VAL B 152 6.76 33.60 21.09
CA VAL B 152 5.90 34.75 20.86
C VAL B 152 6.35 35.84 21.84
N ASP B 153 6.81 36.97 21.32
CA ASP B 153 7.41 38.03 22.13
C ASP B 153 8.42 37.45 23.12
N ASN B 154 9.32 36.61 22.59
CA ASN B 154 10.43 36.00 23.32
C ASN B 154 9.98 35.06 24.44
N ALA B 155 8.74 34.60 24.42
CA ALA B 155 8.24 33.65 25.41
C ALA B 155 8.07 32.29 24.75
N LEU B 156 8.79 31.29 25.26
CA LEU B 156 8.74 29.95 24.68
C LEU B 156 7.34 29.36 24.83
N GLN B 157 6.90 28.63 23.83
CA GLN B 157 5.55 28.10 23.75
C GLN B 157 5.51 26.60 24.09
N SER B 158 4.37 26.16 24.62
CA SER B 158 4.19 24.77 24.99
C SER B 158 2.73 24.40 24.85
N GLY B 159 2.46 23.28 24.19
CA GLY B 159 1.10 22.79 24.10
C GLY B 159 0.20 23.52 23.13
N ASN B 160 0.76 24.30 22.20
CA ASN B 160 -0.08 24.95 21.19
C ASN B 160 0.51 24.81 19.79
N SER B 161 1.34 23.79 19.56
CA SER B 161 1.89 23.54 18.25
C SER B 161 2.05 22.03 18.05
N GLN B 162 2.18 21.64 16.78
CA GLN B 162 2.36 20.26 16.39
C GLN B 162 3.23 20.24 15.15
N GLU B 163 3.90 19.10 14.93
CA GLU B 163 4.95 18.98 13.93
C GLU B 163 4.68 17.78 13.04
N SER B 164 5.25 17.81 11.84
CA SER B 164 5.12 16.72 10.91
C SER B 164 6.34 16.68 10.00
N VAL B 165 6.81 15.47 9.69
CA VAL B 165 8.00 15.25 8.90
C VAL B 165 7.65 14.36 7.73
N THR B 166 8.10 14.74 6.54
CA THR B 166 8.00 13.89 5.36
C THR B 166 8.90 12.66 5.53
N GLU B 167 8.60 11.63 4.75
CA GLU B 167 9.58 10.57 4.63
C GLU B 167 10.76 11.07 3.79
N GLN B 168 11.81 10.26 3.75
CA GLN B 168 13.00 10.62 2.99
C GLN B 168 12.66 10.81 1.52
N ASP B 169 13.20 11.88 0.94
CA ASP B 169 13.07 12.05 -0.51
C ASP B 169 13.75 10.89 -1.23
N SER B 170 13.05 10.33 -2.22
CA SER B 170 13.61 9.18 -2.92
C SER B 170 14.71 9.57 -3.90
N LYS B 171 14.90 10.87 -4.15
CA LYS B 171 15.98 11.32 -5.03
C LYS B 171 17.20 11.82 -4.27
N ASP B 172 17.04 12.75 -3.32
CA ASP B 172 18.19 13.30 -2.62
C ASP B 172 18.22 12.98 -1.13
N SER B 173 17.28 12.18 -0.63
CA SER B 173 17.35 11.53 0.69
C SER B 173 17.25 12.50 1.86
N THR B 174 16.78 13.72 1.63
CA THR B 174 16.57 14.68 2.70
C THR B 174 15.17 14.54 3.27
N TYR B 175 14.93 15.27 4.36
CA TYR B 175 13.65 15.37 5.05
C TYR B 175 13.12 16.80 4.94
N SER B 176 11.82 16.95 5.16
CA SER B 176 11.25 18.27 5.35
C SER B 176 10.30 18.22 6.54
N LEU B 177 10.09 19.36 7.17
CA LEU B 177 9.30 19.43 8.39
C LEU B 177 8.39 20.64 8.35
N SER B 178 7.14 20.42 8.75
CA SER B 178 6.13 21.48 8.90
C SER B 178 5.70 21.56 10.36
N SER B 179 5.73 22.76 10.93
CA SER B 179 5.27 23.00 12.29
C SER B 179 4.22 24.10 12.30
N THR B 180 3.11 23.87 13.01
CA THR B 180 1.99 24.81 13.08
C THR B 180 1.78 25.24 14.52
N LEU B 181 1.89 26.53 14.77
CA LEU B 181 1.51 27.16 16.04
C LEU B 181 0.10 27.71 15.87
N THR B 182 -0.85 27.24 16.68
CA THR B 182 -2.23 27.72 16.61
C THR B 182 -2.60 28.43 17.91
N LEU B 183 -3.02 29.68 17.80
CA LEU B 183 -3.61 30.44 18.90
C LEU B 183 -5.00 30.88 18.50
N SER B 184 -5.77 31.35 19.48
CA SER B 184 -6.99 32.05 19.13
C SER B 184 -6.62 33.39 18.51
N LYS B 185 -7.56 33.95 17.74
CA LYS B 185 -7.36 35.30 17.19
C LYS B 185 -7.07 36.30 18.30
N ALA B 186 -7.72 36.13 19.46
CA ALA B 186 -7.57 37.09 20.56
C ALA B 186 -6.15 37.12 21.12
N ASP B 187 -5.56 35.94 21.36
CA ASP B 187 -4.18 35.93 21.84
C ASP B 187 -3.24 36.47 20.78
N TYR B 188 -3.40 35.99 19.54
CA TYR B 188 -2.55 36.40 18.43
C TYR B 188 -2.51 37.91 18.27
N GLU B 189 -3.67 38.57 18.37
CA GLU B 189 -3.76 40.02 18.22
C GLU B 189 -3.20 40.78 19.42
N LYS B 190 -2.77 40.10 20.48
CA LYS B 190 -2.20 40.77 21.63
C LYS B 190 -0.68 40.66 21.67
N HIS B 191 -0.04 40.20 20.60
CA HIS B 191 1.40 40.02 20.60
C HIS B 191 1.98 40.43 19.25
N LYS B 192 3.28 40.68 19.23
CA LYS B 192 3.96 41.27 18.08
C LYS B 192 4.91 40.30 17.40
N VAL B 193 5.92 39.79 18.09
CA VAL B 193 7.01 39.05 17.45
C VAL B 193 6.70 37.56 17.48
N TYR B 194 6.57 36.95 16.31
CA TYR B 194 6.35 35.51 16.17
C TYR B 194 7.61 34.92 15.57
N ALA B 195 8.32 34.14 16.37
CA ALA B 195 9.61 33.62 15.99
C ALA B 195 9.54 32.10 15.88
N CYS B 196 10.21 31.58 14.86
CA CYS B 196 10.44 30.14 14.69
C CYS B 196 11.92 29.87 14.89
N GLU B 197 12.25 28.95 15.80
CA GLU B 197 13.64 28.76 16.24
C GLU B 197 14.11 27.35 15.96
N VAL B 198 15.11 27.22 15.08
CA VAL B 198 15.50 25.94 14.48
C VAL B 198 16.86 25.51 15.00
N THR B 199 16.94 24.26 15.47
CA THR B 199 18.18 23.64 15.92
C THR B 199 18.45 22.42 15.06
N HIS B 200 19.63 22.37 14.44
CA HIS B 200 20.00 21.27 13.56
C HIS B 200 21.52 21.17 13.52
N GLN B 201 21.99 19.94 13.32
CA GLN B 201 23.42 19.63 13.34
C GLN B 201 24.23 20.50 12.37
N GLY B 202 23.65 20.90 11.24
CA GLY B 202 24.36 21.74 10.30
C GLY B 202 24.41 23.22 10.63
N LEU B 203 23.83 23.66 11.74
CA LEU B 203 23.80 25.06 12.13
C LEU B 203 24.66 25.27 13.36
N SER B 204 25.34 26.43 13.42
CA SER B 204 26.22 26.73 14.55
C SER B 204 25.46 26.84 15.86
N SER B 205 24.18 27.20 15.81
CA SER B 205 23.41 27.44 17.02
C SER B 205 21.96 27.51 16.60
N PRO B 206 21.00 27.62 17.52
CA PRO B 206 19.61 27.81 17.08
C PRO B 206 19.48 29.02 16.20
N VAL B 207 18.78 28.86 15.08
CA VAL B 207 18.57 29.93 14.11
C VAL B 207 17.11 30.32 14.17
N THR B 208 16.84 31.62 14.08
CA THR B 208 15.49 32.18 14.18
C THR B 208 15.05 32.72 12.83
N LYS B 209 13.81 32.42 12.46
CA LYS B 209 13.10 33.19 11.45
C LYS B 209 11.85 33.75 12.13
N SER B 210 11.54 35.02 11.87
CA SER B 210 10.45 35.67 12.59
C SER B 210 9.81 36.74 11.71
N PHE B 211 8.66 37.25 12.17
CA PHE B 211 8.03 38.42 11.61
C PHE B 211 7.36 39.21 12.73
N ASN B 212 7.01 40.46 12.43
CA ASN B 212 6.24 41.33 13.33
C ASN B 212 4.86 41.56 12.75
N ARG B 213 3.82 41.45 13.59
CA ARG B 213 2.47 41.75 13.15
C ARG B 213 2.38 43.17 12.59
N GLY B 214 2.38 43.29 11.27
CA GLY B 214 2.62 44.57 10.62
C GLY B 214 3.90 44.52 9.81
N GLU B 215 3.77 44.21 8.52
CA GLU B 215 4.91 43.91 7.67
C GLU B 215 5.06 44.93 6.53
N VAL C 6 -9.11 -30.55 6.65
CA VAL C 6 -8.11 -29.98 5.76
C VAL C 6 -8.78 -29.46 4.49
N SER C 7 -8.58 -28.19 4.19
CA SER C 7 -9.18 -27.54 3.04
C SER C 7 -8.07 -27.20 2.06
N TYR C 8 -8.20 -27.70 0.82
CA TYR C 8 -7.24 -27.40 -0.24
C TYR C 8 -7.72 -26.23 -1.07
N SER C 9 -6.78 -25.44 -1.55
CA SER C 9 -7.09 -24.47 -2.57
C SER C 9 -6.90 -25.09 -3.94
N LEU C 10 -7.40 -24.40 -4.97
CA LEU C 10 -7.35 -24.90 -6.33
C LEU C 10 -6.02 -24.50 -6.98
N CYS C 11 -5.26 -25.48 -7.45
CA CYS C 11 -4.08 -25.21 -8.28
C CYS C 11 -4.43 -24.24 -9.41
N THR C 12 -3.66 -23.17 -9.54
CA THR C 12 -3.94 -22.15 -10.54
C THR C 12 -2.82 -21.94 -11.55
N ALA C 13 -1.80 -22.80 -11.57
CA ALA C 13 -0.74 -22.68 -12.57
C ALA C 13 -1.01 -23.54 -13.81
N ALA C 14 -0.11 -23.45 -14.80
CA ALA C 14 -0.22 -24.22 -16.03
C ALA C 14 0.22 -25.66 -15.80
N PHE C 15 -0.46 -26.58 -16.49
CA PHE C 15 -0.07 -27.97 -16.60
C PHE C 15 0.38 -28.26 -18.04
N THR C 16 1.14 -29.35 -18.20
CA THR C 16 1.44 -29.90 -19.51
C THR C 16 1.42 -31.41 -19.42
N PHE C 17 0.99 -32.07 -20.50
CA PHE C 17 1.11 -33.52 -20.56
C PHE C 17 2.57 -33.88 -20.74
N THR C 18 3.09 -34.77 -19.89
CA THR C 18 4.45 -35.26 -20.10
C THR C 18 4.50 -36.34 -21.14
N LYS C 19 3.38 -37.02 -21.38
CA LYS C 19 3.31 -38.08 -22.36
C LYS C 19 1.88 -38.10 -22.86
N ILE C 20 1.71 -38.61 -24.08
CA ILE C 20 0.39 -38.57 -24.71
C ILE C 20 -0.56 -39.49 -23.94
N PRO C 21 -1.76 -39.04 -23.62
CA PRO C 21 -2.64 -39.85 -22.75
C PRO C 21 -2.87 -41.23 -23.32
N ALA C 22 -2.70 -42.24 -22.46
CA ALA C 22 -2.83 -43.62 -22.87
C ALA C 22 -4.18 -44.19 -22.48
N GLU C 23 -4.72 -45.06 -23.33
CA GLU C 23 -5.96 -45.78 -23.05
C GLU C 23 -5.65 -47.08 -22.33
N THR C 24 -6.40 -47.37 -21.27
CA THR C 24 -6.27 -48.60 -20.51
C THR C 24 -7.10 -49.72 -21.14
N LEU C 25 -6.80 -50.95 -20.74
CA LEU C 25 -7.64 -52.06 -21.18
C LEU C 25 -9.06 -51.98 -20.63
N HIS C 26 -9.31 -51.10 -19.65
CA HIS C 26 -10.64 -50.90 -19.10
C HIS C 26 -11.48 -49.93 -19.92
N GLY C 27 -10.88 -49.25 -20.89
CA GLY C 27 -11.56 -48.17 -21.57
C GLY C 27 -11.42 -46.82 -20.90
N THR C 28 -10.70 -46.73 -19.79
CA THR C 28 -10.39 -45.43 -19.21
C THR C 28 -9.13 -44.85 -19.85
N VAL C 29 -8.81 -43.62 -19.50
CA VAL C 29 -7.61 -42.97 -19.97
C VAL C 29 -6.78 -42.56 -18.77
N THR C 30 -5.50 -42.92 -18.77
CA THR C 30 -4.56 -42.43 -17.77
C THR C 30 -3.75 -41.29 -18.39
N VAL C 31 -3.44 -40.30 -17.57
CA VAL C 31 -2.75 -39.09 -17.99
C VAL C 31 -1.63 -38.84 -16.99
N GLU C 32 -0.48 -38.38 -17.47
CA GLU C 32 0.55 -37.82 -16.59
C GLU C 32 0.79 -36.37 -16.97
N VAL C 33 0.76 -35.49 -15.98
CA VAL C 33 0.94 -34.06 -16.21
C VAL C 33 2.11 -33.56 -15.36
N GLN C 34 2.68 -32.46 -15.81
CA GLN C 34 3.68 -31.72 -15.07
C GLN C 34 3.07 -30.38 -14.67
N TYR C 35 3.28 -29.99 -13.43
CA TYR C 35 2.64 -28.80 -12.87
C TYR C 35 3.69 -27.74 -12.59
N ALA C 36 3.52 -26.57 -13.21
CA ALA C 36 4.49 -25.49 -13.10
C ALA C 36 4.38 -24.70 -11.81
N GLY C 37 3.38 -24.93 -10.96
CA GLY C 37 3.15 -24.05 -9.83
C GLY C 37 4.01 -24.35 -8.60
N THR C 38 4.03 -23.36 -7.70
CA THR C 38 4.55 -23.54 -6.35
C THR C 38 3.48 -23.39 -5.28
N ASP C 39 2.20 -23.28 -5.67
CA ASP C 39 1.08 -23.16 -4.74
C ASP C 39 0.56 -24.51 -4.24
N GLY C 40 1.23 -25.61 -4.58
CA GLY C 40 1.00 -26.87 -3.91
C GLY C 40 1.34 -26.76 -2.42
N PRO C 41 0.66 -27.53 -1.57
CA PRO C 41 -0.42 -28.47 -1.90
C PRO C 41 -1.68 -27.77 -2.42
N CYS C 42 -2.30 -28.36 -3.43
CA CYS C 42 -3.48 -27.76 -4.03
C CYS C 42 -4.21 -28.82 -4.84
N LYS C 43 -5.48 -28.53 -5.13
CA LYS C 43 -6.38 -29.46 -5.82
C LYS C 43 -6.29 -29.25 -7.33
N VAL C 44 -6.15 -30.34 -8.06
CA VAL C 44 -6.00 -30.30 -9.52
C VAL C 44 -7.35 -30.10 -10.19
N PRO C 45 -7.52 -29.06 -11.00
CA PRO C 45 -8.73 -28.97 -11.84
C PRO C 45 -8.67 -29.99 -12.96
N ALA C 46 -9.58 -30.96 -12.95
CA ALA C 46 -9.57 -32.00 -13.97
C ALA C 46 -10.98 -32.54 -14.23
N GLN C 47 -11.36 -32.63 -15.50
CA GLN C 47 -12.70 -33.11 -15.88
C GLN C 47 -12.70 -33.53 -17.35
N MET C 48 -13.80 -34.17 -17.75
CA MET C 48 -14.14 -34.34 -19.16
C MET C 48 -15.25 -33.34 -19.52
N ALA C 49 -15.32 -32.99 -20.80
CA ALA C 49 -16.33 -32.06 -21.28
C ALA C 49 -16.64 -32.38 -22.73
N VAL C 50 -17.89 -32.16 -23.14
CA VAL C 50 -18.27 -32.23 -24.55
C VAL C 50 -18.49 -30.82 -25.08
N ASP C 51 -18.93 -29.91 -24.21
CA ASP C 51 -19.14 -28.51 -24.55
C ASP C 51 -18.03 -27.69 -23.91
N MET C 52 -17.21 -27.03 -24.73
CA MET C 52 -16.16 -26.17 -24.19
C MET C 52 -16.69 -24.81 -23.78
N GLN C 53 -17.86 -24.40 -24.29
CA GLN C 53 -18.51 -23.18 -23.82
C GLN C 53 -18.97 -23.33 -22.37
N THR C 54 -19.67 -24.42 -22.08
CA THR C 54 -20.25 -24.63 -20.75
C THR C 54 -19.32 -25.36 -19.80
N LEU C 55 -18.42 -26.19 -20.31
CA LEU C 55 -17.54 -27.00 -19.49
C LEU C 55 -18.32 -27.86 -18.50
N THR C 56 -19.55 -28.21 -18.85
CA THR C 56 -20.34 -29.10 -18.03
C THR C 56 -19.63 -30.43 -17.85
N PRO C 57 -19.40 -30.89 -16.61
CA PRO C 57 -18.69 -32.16 -16.41
C PRO C 57 -19.46 -33.31 -17.04
N VAL C 58 -18.73 -34.15 -17.78
CA VAL C 58 -19.24 -35.42 -18.24
C VAL C 58 -18.22 -36.48 -17.84
N GLY C 59 -18.63 -37.74 -17.95
CA GLY C 59 -17.79 -38.83 -17.48
C GLY C 59 -17.52 -38.72 -15.97
N ARG C 60 -16.57 -39.53 -15.54
CA ARG C 60 -16.20 -39.60 -14.13
C ARG C 60 -14.71 -39.47 -14.00
N LEU C 61 -14.27 -38.79 -12.96
CA LEU C 61 -12.87 -38.82 -12.58
C LEU C 61 -12.61 -40.12 -11.80
N ILE C 62 -11.62 -40.90 -12.25
CA ILE C 62 -11.31 -42.15 -11.55
C ILE C 62 -10.44 -41.86 -10.34
N THR C 63 -9.54 -40.89 -10.45
CA THR C 63 -8.72 -40.47 -9.31
C THR C 63 -9.60 -39.82 -8.26
N ALA C 64 -9.61 -40.38 -7.05
CA ALA C 64 -10.31 -39.78 -5.92
C ALA C 64 -9.60 -38.50 -5.54
N ASN C 65 -10.14 -37.36 -6.01
CA ASN C 65 -9.64 -36.03 -5.66
C ASN C 65 -8.16 -35.90 -5.99
N PRO C 66 -7.84 -35.47 -7.21
CA PRO C 66 -6.43 -35.22 -7.54
C PRO C 66 -5.91 -34.00 -6.80
N VAL C 67 -4.82 -34.19 -6.07
CA VAL C 67 -4.11 -33.09 -5.42
C VAL C 67 -2.64 -33.14 -5.83
N ILE C 68 -2.08 -31.96 -6.13
CA ILE C 68 -0.64 -31.78 -6.10
C ILE C 68 -0.22 -31.66 -4.64
N THR C 69 0.67 -32.54 -4.18
CA THR C 69 0.99 -32.61 -2.77
C THR C 69 2.19 -31.78 -2.34
N GLU C 70 2.88 -31.13 -3.29
CA GLU C 70 4.14 -30.48 -2.97
C GLU C 70 4.22 -29.11 -3.63
N SER C 71 4.84 -28.17 -2.92
CA SER C 71 5.15 -26.87 -3.48
C SER C 71 6.25 -26.93 -4.55
N THR C 72 7.00 -28.04 -4.62
CA THR C 72 8.10 -28.19 -5.56
C THR C 72 7.67 -27.93 -6.99
N GLU C 73 8.32 -26.95 -7.61
CA GLU C 73 8.00 -26.54 -8.96
C GLU C 73 8.27 -27.67 -9.96
N ASN C 74 7.40 -27.78 -10.97
CA ASN C 74 7.52 -28.76 -12.05
C ASN C 74 7.34 -30.20 -11.57
N SER C 75 6.63 -30.40 -10.47
CA SER C 75 6.35 -31.76 -10.04
C SER C 75 5.33 -32.42 -10.98
N LYS C 76 5.34 -33.74 -11.00
CA LYS C 76 4.57 -34.55 -11.93
C LYS C 76 3.51 -35.34 -11.18
N MET C 77 2.37 -35.56 -11.84
CA MET C 77 1.29 -36.31 -11.24
C MET C 77 0.54 -37.09 -12.30
N MET C 78 0.01 -38.24 -11.88
CA MET C 78 -0.77 -39.12 -12.73
C MET C 78 -2.23 -39.09 -12.29
N LEU C 79 -3.14 -39.08 -13.25
CA LEU C 79 -4.55 -39.27 -12.93
C LEU C 79 -5.22 -40.10 -14.03
N GLU C 80 -6.37 -40.67 -13.66
CA GLU C 80 -7.13 -41.55 -14.52
C GLU C 80 -8.54 -41.01 -14.66
N LEU C 81 -9.05 -40.98 -15.88
CA LEU C 81 -10.37 -40.44 -16.16
C LEU C 81 -11.23 -41.51 -16.83
N ASP C 82 -12.55 -41.43 -16.58
CA ASP C 82 -13.52 -42.35 -17.15
C ASP C 82 -14.35 -41.60 -18.18
N PRO C 83 -13.98 -41.66 -19.46
CA PRO C 83 -14.66 -40.82 -20.46
C PRO C 83 -16.03 -41.39 -20.80
N PRO C 84 -16.97 -40.54 -21.21
CA PRO C 84 -18.26 -41.03 -21.68
C PRO C 84 -18.11 -41.59 -23.09
N PHE C 85 -19.21 -42.13 -23.62
CA PHE C 85 -19.23 -42.59 -24.99
C PHE C 85 -19.27 -41.41 -25.96
N GLY C 86 -18.67 -41.61 -27.12
CA GLY C 86 -18.63 -40.56 -28.13
C GLY C 86 -17.39 -39.71 -28.03
N ASP C 87 -17.49 -38.46 -28.46
CA ASP C 87 -16.38 -37.52 -28.41
C ASP C 87 -16.43 -36.72 -27.12
N SER C 88 -15.24 -36.42 -26.58
CA SER C 88 -15.14 -35.54 -25.43
C SER C 88 -13.73 -34.96 -25.40
N TYR C 89 -13.48 -34.15 -24.38
CA TYR C 89 -12.19 -33.54 -24.15
C TYR C 89 -11.78 -33.82 -22.72
N ILE C 90 -10.56 -34.30 -22.55
CA ILE C 90 -9.89 -34.17 -21.27
C ILE C 90 -9.55 -32.70 -21.08
N VAL C 91 -9.83 -32.15 -19.89
CA VAL C 91 -9.58 -30.74 -19.60
C VAL C 91 -8.91 -30.66 -18.25
N ILE C 92 -7.71 -30.06 -18.21
CA ILE C 92 -6.89 -29.96 -17.00
C ILE C 92 -6.49 -28.50 -16.80
N GLY C 93 -6.60 -28.02 -15.54
CA GLY C 93 -6.18 -26.68 -15.19
C GLY C 93 -7.23 -25.61 -15.46
N VAL C 94 -6.91 -24.39 -15.05
CA VAL C 94 -7.79 -23.25 -15.24
C VAL C 94 -7.09 -22.19 -16.08
N GLY C 95 -7.86 -21.20 -16.49
CA GLY C 95 -7.33 -20.06 -17.20
C GLY C 95 -6.95 -20.34 -18.64
N GLU C 96 -6.45 -19.28 -19.27
CA GLU C 96 -5.96 -19.32 -20.65
C GLU C 96 -4.96 -20.44 -20.90
N LYS C 97 -4.32 -20.97 -19.86
CA LYS C 97 -3.27 -21.96 -20.05
C LYS C 97 -3.77 -23.39 -19.91
N LYS C 98 -5.06 -23.60 -19.66
CA LYS C 98 -5.56 -24.97 -19.46
C LYS C 98 -5.29 -25.80 -20.70
N ILE C 99 -5.15 -27.13 -20.50
CA ILE C 99 -4.80 -28.02 -21.60
C ILE C 99 -5.93 -29.01 -21.82
N THR C 100 -6.12 -29.39 -23.10
CA THR C 100 -7.16 -30.32 -23.49
C THR C 100 -6.59 -31.39 -24.42
N HIS C 101 -7.32 -32.49 -24.50
CA HIS C 101 -6.94 -33.61 -25.37
C HIS C 101 -8.23 -34.22 -25.89
N HIS C 102 -8.37 -34.26 -27.21
CA HIS C 102 -9.58 -34.86 -27.77
C HIS C 102 -9.56 -36.36 -27.52
N TRP C 103 -10.71 -36.89 -27.16
CA TRP C 103 -10.88 -38.31 -26.89
C TRP C 103 -12.12 -38.82 -27.61
N HIS C 104 -12.12 -40.11 -27.94
CA HIS C 104 -13.31 -40.78 -28.45
C HIS C 104 -13.39 -42.18 -27.87
N ARG C 105 -14.59 -42.57 -27.42
CA ARG C 105 -14.84 -43.85 -26.79
C ARG C 105 -16.10 -44.48 -27.36
N SER C 106 -16.06 -45.81 -27.54
CA SER C 106 -17.28 -46.53 -27.86
C SER C 106 -17.12 -47.99 -27.41
N GLY C 107 -18.25 -48.64 -27.16
CA GLY C 107 -18.25 -50.03 -26.75
C GLY C 107 -19.62 -50.67 -26.89
#